data_7DOR
#
_entry.id   7DOR
#
_cell.length_a   60.811
_cell.length_b   67.519
_cell.length_c   102.493
_cell.angle_alpha   90.00
_cell.angle_beta   90.00
_cell.angle_gamma   90.00
#
_symmetry.space_group_name_H-M   'P 21 21 21'
#
loop_
_entity.id
_entity.type
_entity.pdbx_description
1 polymer 'DNA gyrase subunit B'
2 non-polymer 1H-benzimidazol-2-amine
3 non-polymer P-NITROPHENOL
4 non-polymer 'PHOSPHATE ION'
5 water water
#
_entity_poly.entity_id   1
_entity_poly.type   'polypeptide(L)'
_entity_poly.pdbx_seq_one_letter_code
;LDAVRKRPGMYIGDTDDGTGLHHMVFEVVDNAIDEALAGHCKEIIVTIHADNSVSVQDDGRGIPTGIHPEEGVSAAEVIM
TVLHAGGKFDDNSYKVSGGLHGVGVSVVNALSQKLELVIQREGKIHRQIYEHGVPQAPLAVTGETEKTGTMVRFWPSLET
FTNVTEFEYEILAKRLRELSFLNSGVSIRLRDKRDGKEDHFHYEGG
;
_entity_poly.pdbx_strand_id   A,B
#
loop_
_chem_comp.id
_chem_comp.type
_chem_comp.name
_chem_comp.formula
AX7 non-polymer 1H-benzimidazol-2-amine 'C7 H7 N3'
NPO non-polymer P-NITROPHENOL 'C6 H5 N O3'
PO4 non-polymer 'PHOSPHATE ION' 'O4 P -3'
#
# COMPACT_ATOMS: atom_id res chain seq x y z
N LEU A 1 1.84 -2.52 8.46
CA LEU A 1 2.21 -3.41 7.37
C LEU A 1 3.22 -2.81 6.38
N ASP A 2 3.47 -1.51 6.48
CA ASP A 2 4.42 -0.86 5.60
C ASP A 2 5.84 -1.45 5.70
N ALA A 3 6.25 -1.89 6.88
CA ALA A 3 7.51 -2.58 7.05
C ALA A 3 7.56 -3.81 6.15
N VAL A 4 6.48 -4.56 6.08
CA VAL A 4 6.38 -5.73 5.24
C VAL A 4 6.39 -5.41 3.76
N ARG A 5 5.65 -4.40 3.36
CA ARG A 5 5.60 -4.00 1.97
C ARG A 5 6.96 -3.48 1.47
N LYS A 6 7.70 -2.86 2.35
CA LYS A 6 8.98 -2.30 2.02
C LYS A 6 10.05 -3.34 1.75
N ARG A 7 10.02 -4.47 2.45
CA ARG A 7 11.01 -5.52 2.27
C ARG A 7 10.35 -6.88 2.34
N PRO A 8 9.51 -7.19 1.36
CA PRO A 8 8.72 -8.42 1.37
C PRO A 8 9.58 -9.67 1.49
N GLY A 9 10.70 -9.70 0.81
CA GLY A 9 11.61 -10.81 0.87
C GLY A 9 12.09 -11.21 2.24
N MET A 10 12.26 -10.26 3.15
CA MET A 10 12.69 -10.50 4.50
C MET A 10 11.64 -11.13 5.38
N TYR A 11 10.38 -11.05 4.97
CA TYR A 11 9.29 -11.63 5.72
C TYR A 11 8.72 -12.93 5.15
N ILE A 12 8.61 -13.02 3.84
CA ILE A 12 7.98 -14.16 3.20
C ILE A 12 8.94 -15.06 2.44
N GLY A 13 10.17 -14.60 2.19
CA GLY A 13 11.17 -15.34 1.41
C GLY A 13 11.31 -14.82 0.00
N ASP A 14 12.22 -15.40 -0.78
CA ASP A 14 12.57 -14.85 -2.10
C ASP A 14 11.35 -14.62 -3.01
N THR A 15 11.15 -13.37 -3.44
CA THR A 15 9.98 -13.01 -4.24
C THR A 15 10.14 -13.25 -5.74
N ASP A 16 11.26 -13.84 -6.14
CA ASP A 16 11.46 -14.07 -7.55
C ASP A 16 11.61 -15.51 -7.96
N ASP A 17 12.01 -16.37 -7.04
CA ASP A 17 12.20 -17.79 -7.38
C ASP A 17 11.08 -18.75 -6.97
N GLY A 18 9.97 -18.22 -6.51
CA GLY A 18 8.87 -19.08 -6.11
C GLY A 18 8.84 -19.43 -4.65
N THR A 19 9.93 -19.20 -3.95
CA THR A 19 10.00 -19.50 -2.55
C THR A 19 8.94 -18.74 -1.76
N GLY A 20 8.97 -17.43 -1.87
CA GLY A 20 8.04 -16.58 -1.16
C GLY A 20 6.62 -16.89 -1.51
N LEU A 21 6.36 -17.03 -2.79
CA LEU A 21 5.04 -17.30 -3.29
C LEU A 21 4.39 -18.47 -2.61
N HIS A 22 5.11 -19.58 -2.53
CA HIS A 22 4.57 -20.76 -1.90
C HIS A 22 4.49 -20.62 -0.41
N HIS A 23 5.39 -19.86 0.16
CA HIS A 23 5.37 -19.57 1.58
C HIS A 23 4.05 -18.85 2.02
N MET A 24 3.47 -18.11 1.10
CA MET A 24 2.24 -17.42 1.38
C MET A 24 1.18 -18.46 1.78
N VAL A 25 1.10 -19.53 1.02
CA VAL A 25 0.15 -20.56 1.28
C VAL A 25 0.42 -21.21 2.63
N PHE A 26 1.68 -21.49 2.90
CA PHE A 26 2.02 -22.16 4.14
C PHE A 26 1.68 -21.37 5.39
N GLU A 27 1.78 -20.06 5.30
CA GLU A 27 1.47 -19.22 6.41
C GLU A 27 -0.03 -19.30 6.72
N VAL A 28 -0.83 -19.31 5.69
CA VAL A 28 -2.24 -19.40 5.87
C VAL A 28 -2.62 -20.78 6.39
N VAL A 29 -1.99 -21.80 5.87
CA VAL A 29 -2.25 -23.16 6.28
C VAL A 29 -1.97 -23.36 7.77
N ASP A 30 -0.90 -22.77 8.29
CA ASP A 30 -0.57 -22.86 9.70
C ASP A 30 -1.74 -22.40 10.57
N ASN A 31 -2.35 -21.29 10.19
CA ASN A 31 -3.49 -20.77 10.93
C ASN A 31 -4.68 -21.72 10.83
N ALA A 32 -4.91 -22.20 9.62
CA ALA A 32 -5.96 -23.12 9.34
C ALA A 32 -5.82 -24.39 10.16
N ILE A 33 -4.63 -24.93 10.25
CA ILE A 33 -4.41 -26.13 11.03
C ILE A 33 -4.72 -25.87 12.49
N ASP A 34 -4.30 -24.74 13.01
CA ASP A 34 -4.61 -24.41 14.39
C ASP A 34 -6.12 -24.39 14.63
N GLU A 35 -6.87 -23.83 13.71
CA GLU A 35 -8.31 -23.78 13.83
C GLU A 35 -8.90 -25.16 13.76
N ALA A 36 -8.38 -25.99 12.89
CA ALA A 36 -8.91 -27.31 12.72
C ALA A 36 -8.70 -28.14 13.94
N LEU A 37 -7.56 -28.03 14.58
CA LEU A 37 -7.27 -28.75 15.79
C LEU A 37 -8.28 -28.45 16.93
N ALA A 38 -8.75 -27.21 17.01
CA ALA A 38 -9.69 -26.75 17.98
C ALA A 38 -11.13 -27.12 17.68
N GLY A 39 -11.39 -27.69 16.52
CA GLY A 39 -12.75 -28.03 16.19
C GLY A 39 -13.05 -29.51 16.27
N HIS A 40 -14.26 -29.89 15.87
CA HIS A 40 -14.68 -31.29 15.90
C HIS A 40 -14.33 -32.08 14.67
N CYS A 41 -14.65 -31.58 13.50
CA CYS A 41 -14.39 -32.34 12.29
C CYS A 41 -12.95 -32.44 11.79
N LYS A 42 -12.20 -31.39 12.03
CA LYS A 42 -10.80 -31.32 11.70
C LYS A 42 -10.41 -31.54 10.28
N GLU A 43 -10.91 -30.73 9.37
CA GLU A 43 -10.49 -30.82 7.99
C GLU A 43 -10.20 -29.45 7.42
N ILE A 44 -9.15 -29.39 6.64
CA ILE A 44 -8.82 -28.20 5.93
C ILE A 44 -8.75 -28.54 4.45
N ILE A 45 -9.10 -27.58 3.62
CA ILE A 45 -9.07 -27.74 2.19
C ILE A 45 -8.30 -26.59 1.55
N VAL A 46 -7.29 -26.92 0.79
CA VAL A 46 -6.46 -25.95 0.10
C VAL A 46 -6.73 -26.08 -1.37
N THR A 47 -7.23 -25.02 -1.97
CA THR A 47 -7.56 -25.03 -3.38
C THR A 47 -6.74 -24.04 -4.22
N ILE A 48 -6.17 -24.50 -5.33
CA ILE A 48 -5.47 -23.64 -6.24
C ILE A 48 -6.51 -23.30 -7.28
N HIS A 49 -6.89 -22.05 -7.38
CA HIS A 49 -7.92 -21.67 -8.32
C HIS A 49 -7.35 -21.42 -9.70
N ALA A 50 -8.20 -21.33 -10.69
CA ALA A 50 -7.78 -21.15 -12.07
C ALA A 50 -7.05 -19.85 -12.32
N ASP A 51 -7.45 -18.82 -11.59
CA ASP A 51 -6.85 -17.50 -11.68
C ASP A 51 -5.60 -17.33 -10.85
N ASN A 52 -5.01 -18.42 -10.44
CA ASN A 52 -3.83 -18.44 -9.61
C ASN A 52 -3.92 -17.75 -8.27
N SER A 53 -5.10 -17.85 -7.70
CA SER A 53 -5.34 -17.47 -6.32
C SER A 53 -5.46 -18.82 -5.55
N VAL A 54 -5.30 -18.78 -4.25
CA VAL A 54 -5.38 -19.99 -3.46
C VAL A 54 -6.31 -19.71 -2.31
N SER A 55 -7.19 -20.65 -2.02
CA SER A 55 -8.07 -20.53 -0.88
C SER A 55 -7.75 -21.63 0.12
N VAL A 56 -7.89 -21.32 1.38
CA VAL A 56 -7.63 -22.23 2.46
C VAL A 56 -8.82 -22.11 3.38
N GLN A 57 -9.41 -23.22 3.75
CA GLN A 57 -10.56 -23.23 4.61
C GLN A 57 -10.54 -24.33 5.65
N ASP A 58 -11.15 -24.05 6.77
CA ASP A 58 -11.26 -25.00 7.84
C ASP A 58 -12.70 -25.05 8.36
N ASP A 59 -13.03 -26.17 8.95
CA ASP A 59 -14.35 -26.40 9.50
C ASP A 59 -14.35 -26.23 11.01
N GLY A 60 -13.44 -25.41 11.50
CA GLY A 60 -13.35 -25.11 12.92
C GLY A 60 -14.35 -24.13 13.47
N ARG A 61 -14.06 -23.53 14.61
CA ARG A 61 -15.01 -22.67 15.26
C ARG A 61 -15.22 -21.31 14.64
N GLY A 62 -14.29 -20.91 13.80
CA GLY A 62 -14.31 -19.61 13.17
C GLY A 62 -13.46 -18.67 13.98
N ILE A 63 -12.60 -17.91 13.35
CA ILE A 63 -11.80 -16.96 14.09
C ILE A 63 -12.65 -15.84 14.71
N PRO A 64 -12.18 -15.31 15.82
CA PRO A 64 -12.91 -14.29 16.57
C PRO A 64 -13.30 -13.10 15.74
N THR A 65 -14.52 -12.64 15.97
CA THR A 65 -15.08 -11.54 15.23
C THR A 65 -15.37 -10.27 16.00
N GLY A 66 -15.50 -10.35 17.32
CA GLY A 66 -15.80 -9.18 18.11
C GLY A 66 -14.78 -8.08 18.11
N ILE A 67 -15.20 -6.88 18.44
CA ILE A 67 -14.29 -5.78 18.45
C ILE A 67 -13.17 -5.94 19.47
N HIS A 68 -11.95 -5.72 19.03
CA HIS A 68 -10.80 -5.79 19.90
C HIS A 68 -10.78 -4.53 20.72
N PRO A 69 -10.87 -4.67 22.06
CA PRO A 69 -10.88 -3.53 22.96
C PRO A 69 -9.80 -2.53 22.72
N GLU A 70 -8.59 -2.95 22.47
CA GLU A 70 -7.58 -1.95 22.29
C GLU A 70 -7.43 -1.45 20.85
N GLU A 71 -7.65 -2.30 19.86
CA GLU A 71 -7.48 -1.89 18.48
C GLU A 71 -8.68 -1.19 17.87
N GLY A 72 -9.85 -1.42 18.41
CA GLY A 72 -11.07 -0.78 17.93
C GLY A 72 -11.70 -1.30 16.66
N VAL A 73 -11.17 -2.39 16.17
CA VAL A 73 -11.68 -3.06 15.00
C VAL A 73 -11.84 -4.53 15.34
N SER A 74 -12.50 -5.27 14.49
CA SER A 74 -12.72 -6.67 14.77
C SER A 74 -11.45 -7.40 15.00
N ALA A 75 -11.53 -8.40 15.83
CA ALA A 75 -10.40 -9.26 16.12
C ALA A 75 -9.82 -9.87 14.83
N ALA A 76 -10.67 -10.31 13.91
CA ALA A 76 -10.25 -10.82 12.62
C ALA A 76 -9.39 -9.79 11.88
N GLU A 77 -9.81 -8.54 11.87
CA GLU A 77 -9.04 -7.50 11.20
C GLU A 77 -7.68 -7.27 11.88
N VAL A 78 -7.64 -7.41 13.18
CA VAL A 78 -6.39 -7.29 13.90
C VAL A 78 -5.45 -8.38 13.43
N ILE A 79 -5.95 -9.59 13.33
CA ILE A 79 -5.19 -10.68 12.84
C ILE A 79 -4.66 -10.45 11.42
N MET A 80 -5.46 -9.84 10.57
CA MET A 80 -5.10 -9.64 9.18
C MET A 80 -4.23 -8.42 8.92
N THR A 81 -4.17 -7.51 9.86
CA THR A 81 -3.44 -6.27 9.66
C THR A 81 -2.38 -5.88 10.66
N VAL A 82 -2.18 -6.66 11.71
CA VAL A 82 -1.18 -6.31 12.69
C VAL A 82 -0.06 -7.34 12.79
N LEU A 83 1.17 -6.90 12.66
CA LEU A 83 2.27 -7.84 12.75
C LEU A 83 2.36 -8.38 14.15
N GLY A 102 7.04 -18.74 12.20
CA GLY A 102 6.28 -18.16 11.11
C GLY A 102 6.02 -16.68 11.28
N VAL A 103 5.67 -15.97 10.22
CA VAL A 103 5.43 -14.53 10.28
C VAL A 103 3.96 -14.05 10.43
N GLY A 104 3.00 -14.89 10.11
CA GLY A 104 1.63 -14.52 10.26
C GLY A 104 0.94 -14.19 8.97
N VAL A 105 -0.37 -14.31 8.97
CA VAL A 105 -1.15 -14.03 7.80
C VAL A 105 -1.29 -12.56 7.45
N SER A 106 -0.96 -11.66 8.36
CA SER A 106 -0.95 -10.26 8.03
C SER A 106 0.11 -10.01 6.92
N VAL A 107 1.22 -10.72 6.94
CA VAL A 107 2.23 -10.63 5.90
C VAL A 107 1.63 -11.07 4.57
N VAL A 108 0.87 -12.14 4.59
CA VAL A 108 0.24 -12.64 3.40
C VAL A 108 -0.73 -11.60 2.87
N ASN A 109 -1.50 -11.01 3.75
CA ASN A 109 -2.49 -9.96 3.43
C ASN A 109 -1.76 -8.81 2.80
N ALA A 110 -0.71 -8.38 3.44
CA ALA A 110 0.09 -7.28 2.93
C ALA A 110 0.59 -7.47 1.51
N LEU A 111 1.00 -8.68 1.16
CA LEU A 111 1.51 -8.96 -0.14
C LEU A 111 0.52 -9.56 -1.11
N SER A 112 -0.75 -9.43 -0.84
CA SER A 112 -1.75 -9.93 -1.73
C SER A 112 -2.52 -8.76 -2.34
N GLN A 113 -2.65 -8.74 -3.66
CA GLN A 113 -3.41 -7.70 -4.31
C GLN A 113 -4.84 -7.76 -3.85
N LYS A 114 -5.31 -8.93 -3.48
CA LYS A 114 -6.65 -9.09 -2.93
C LYS A 114 -6.69 -10.29 -1.95
N LEU A 115 -7.49 -10.15 -0.90
CA LEU A 115 -7.70 -11.20 0.06
C LEU A 115 -9.15 -11.18 0.48
N GLU A 116 -9.79 -12.32 0.40
CA GLU A 116 -11.18 -12.44 0.78
C GLU A 116 -11.25 -13.27 2.06
N LEU A 117 -11.99 -12.80 3.03
CA LEU A 117 -12.12 -13.48 4.29
C LEU A 117 -13.58 -13.77 4.58
N VAL A 118 -13.87 -14.99 4.97
CA VAL A 118 -15.21 -15.40 5.34
C VAL A 118 -15.18 -16.22 6.64
N ILE A 119 -15.96 -15.82 7.62
CA ILE A 119 -16.01 -16.50 8.89
C ILE A 119 -17.42 -16.87 9.24
N GLN A 120 -17.61 -18.12 9.60
CA GLN A 120 -18.87 -18.67 10.00
C GLN A 120 -18.75 -18.98 11.48
N ARG A 121 -19.49 -18.24 12.25
CA ARG A 121 -19.38 -18.34 13.67
C ARG A 121 -20.61 -17.83 14.39
N GLU A 122 -20.98 -18.55 15.42
CA GLU A 122 -22.07 -18.16 16.26
C GLU A 122 -23.34 -17.87 15.48
N GLY A 123 -23.61 -18.70 14.49
CA GLY A 123 -24.80 -18.58 13.66
C GLY A 123 -24.80 -17.54 12.58
N LYS A 124 -23.70 -16.86 12.39
CA LYS A 124 -23.60 -15.80 11.39
C LYS A 124 -22.47 -15.96 10.38
N ILE A 125 -22.66 -15.42 9.21
CA ILE A 125 -21.63 -15.42 8.19
C ILE A 125 -21.05 -14.01 8.19
N HIS A 126 -19.74 -13.88 8.20
CA HIS A 126 -19.05 -12.62 8.20
C HIS A 126 -18.12 -12.57 7.01
N ARG A 127 -18.08 -11.46 6.30
CA ARG A 127 -17.18 -11.32 5.16
C ARG A 127 -16.43 -10.02 5.16
N GLN A 128 -15.24 -10.05 4.61
CA GLN A 128 -14.42 -8.89 4.47
C GLN A 128 -13.44 -9.09 3.32
N ILE A 129 -13.18 -8.00 2.61
CA ILE A 129 -12.25 -7.96 1.49
C ILE A 129 -11.12 -6.95 1.78
N TYR A 130 -9.91 -7.33 1.42
CA TYR A 130 -8.73 -6.52 1.54
C TYR A 130 -8.08 -6.44 0.16
N GLU A 131 -7.34 -5.38 -0.08
CA GLU A 131 -6.60 -5.16 -1.30
C GLU A 131 -5.28 -4.58 -0.83
N HIS A 132 -4.21 -5.30 -1.05
CA HIS A 132 -2.87 -4.94 -0.61
C HIS A 132 -2.77 -4.70 0.90
N GLY A 133 -3.51 -5.46 1.69
CA GLY A 133 -3.54 -5.34 3.12
C GLY A 133 -4.52 -4.35 3.67
N VAL A 134 -5.19 -3.62 2.80
CA VAL A 134 -6.13 -2.58 3.20
C VAL A 134 -7.58 -3.04 3.18
N PRO A 135 -8.24 -2.99 4.32
CA PRO A 135 -9.63 -3.43 4.34
C PRO A 135 -10.51 -2.51 3.53
N GLN A 136 -11.37 -3.07 2.72
CA GLN A 136 -12.24 -2.30 1.89
C GLN A 136 -13.45 -1.79 2.66
N ALA A 137 -13.76 -2.51 3.73
CA ALA A 137 -14.83 -2.20 4.65
C ALA A 137 -14.65 -3.02 5.91
N PRO A 138 -15.34 -2.65 6.98
CA PRO A 138 -15.16 -3.47 8.16
C PRO A 138 -15.79 -4.82 8.00
N LEU A 139 -15.36 -5.78 8.79
CA LEU A 139 -15.90 -7.12 8.78
C LEU A 139 -17.37 -6.94 8.99
N ALA A 140 -18.17 -7.62 8.20
CA ALA A 140 -19.62 -7.48 8.29
C ALA A 140 -20.39 -8.76 8.26
N VAL A 141 -21.47 -8.80 9.00
CA VAL A 141 -22.33 -9.94 9.01
C VAL A 141 -23.21 -9.88 7.77
N THR A 142 -23.19 -10.94 6.97
CA THR A 142 -23.91 -10.98 5.72
C THR A 142 -25.04 -11.99 5.65
N GLY A 143 -25.23 -12.78 6.68
CA GLY A 143 -26.28 -13.76 6.71
C GLY A 143 -26.13 -14.76 7.81
N GLU A 144 -27.03 -15.73 7.87
CA GLU A 144 -27.00 -16.75 8.89
C GLU A 144 -26.54 -18.08 8.37
N THR A 145 -26.04 -18.91 9.27
CA THR A 145 -25.59 -20.24 8.93
C THR A 145 -25.44 -21.11 10.15
N GLU A 146 -25.56 -22.39 9.95
CA GLU A 146 -25.37 -23.33 11.04
C GLU A 146 -23.92 -23.80 11.05
N LYS A 147 -23.23 -23.62 9.95
CA LYS A 147 -21.85 -24.03 9.87
C LYS A 147 -20.88 -23.14 10.63
N THR A 148 -19.67 -23.66 10.82
CA THR A 148 -18.61 -22.91 11.48
C THR A 148 -17.29 -23.09 10.72
N GLY A 149 -16.43 -22.11 10.78
CA GLY A 149 -15.18 -22.21 10.10
C GLY A 149 -14.72 -20.90 9.57
N THR A 150 -13.57 -20.94 8.93
CA THR A 150 -12.94 -19.77 8.36
C THR A 150 -12.44 -20.13 6.97
N MET A 151 -12.46 -19.15 6.08
CA MET A 151 -11.99 -19.30 4.73
C MET A 151 -11.26 -18.04 4.33
N VAL A 152 -10.12 -18.20 3.71
CA VAL A 152 -9.35 -17.09 3.22
C VAL A 152 -8.90 -17.43 1.81
N ARG A 153 -9.16 -16.56 0.87
CA ARG A 153 -8.69 -16.74 -0.50
C ARG A 153 -7.84 -15.52 -0.84
N PHE A 154 -6.64 -15.74 -1.35
CA PHE A 154 -5.75 -14.63 -1.65
C PHE A 154 -5.11 -14.71 -3.04
N TRP A 155 -4.89 -13.55 -3.61
CA TRP A 155 -4.35 -13.40 -4.94
C TRP A 155 -3.07 -12.66 -4.74
N PRO A 156 -1.95 -13.36 -4.82
CA PRO A 156 -0.64 -12.76 -4.63
C PRO A 156 -0.42 -11.57 -5.52
N SER A 157 0.13 -10.53 -4.93
CA SER A 157 0.39 -9.36 -5.68
C SER A 157 1.46 -9.57 -6.71
N LEU A 158 1.15 -9.27 -7.95
CA LEU A 158 2.13 -9.39 -9.01
C LEU A 158 3.07 -8.19 -9.14
N GLU A 159 2.93 -7.21 -8.26
CA GLU A 159 3.82 -6.11 -8.10
C GLU A 159 4.96 -6.61 -7.22
N THR A 160 4.68 -7.62 -6.42
CA THR A 160 5.67 -8.18 -5.52
C THR A 160 6.30 -9.46 -6.01
N PHE A 161 5.49 -10.38 -6.49
CA PHE A 161 5.98 -11.66 -6.93
C PHE A 161 6.26 -11.66 -8.42
N THR A 162 7.50 -11.92 -8.76
CA THR A 162 7.94 -11.90 -10.13
C THR A 162 8.49 -13.22 -10.57
N ASN A 163 8.62 -13.42 -11.88
CA ASN A 163 9.18 -14.63 -12.45
C ASN A 163 8.31 -15.83 -12.20
N VAL A 164 8.42 -16.42 -11.01
CA VAL A 164 7.55 -17.52 -10.68
C VAL A 164 6.27 -16.89 -10.10
N THR A 165 5.21 -16.87 -10.86
CA THR A 165 3.99 -16.30 -10.39
C THR A 165 2.82 -17.26 -10.35
N GLU A 166 3.04 -18.48 -10.76
CA GLU A 166 2.00 -19.47 -10.75
C GLU A 166 2.37 -20.57 -9.77
N PHE A 167 1.39 -21.02 -9.01
CA PHE A 167 1.61 -22.01 -8.00
C PHE A 167 1.97 -23.39 -8.54
N GLU A 168 2.88 -24.06 -7.87
CA GLU A 168 3.23 -25.39 -8.29
C GLU A 168 2.63 -26.41 -7.38
N TYR A 169 1.75 -27.23 -7.91
CA TYR A 169 1.05 -28.26 -7.16
C TYR A 169 1.95 -29.13 -6.29
N GLU A 170 3.06 -29.58 -6.83
CA GLU A 170 3.95 -30.45 -6.10
C GLU A 170 4.60 -29.80 -4.89
N ILE A 171 4.86 -28.52 -4.98
CA ILE A 171 5.45 -27.81 -3.89
C ILE A 171 4.49 -27.75 -2.71
N LEU A 172 3.24 -27.51 -3.02
CA LEU A 172 2.19 -27.46 -2.02
C LEU A 172 1.94 -28.85 -1.47
N ALA A 173 1.77 -29.83 -2.32
CA ALA A 173 1.54 -31.20 -1.90
C ALA A 173 2.62 -31.76 -0.97
N LYS A 174 3.87 -31.51 -1.27
CA LYS A 174 4.97 -31.98 -0.46
C LYS A 174 4.89 -31.47 0.97
N ARG A 175 4.68 -30.18 1.12
CA ARG A 175 4.59 -29.58 2.42
C ARG A 175 3.35 -30.01 3.18
N LEU A 176 2.21 -30.11 2.51
CA LEU A 176 0.97 -30.55 3.14
C LEU A 176 1.10 -31.98 3.63
N ARG A 177 1.77 -32.82 2.87
CA ARG A 177 2.01 -34.19 3.31
C ARG A 177 2.83 -34.20 4.59
N GLU A 178 3.88 -33.41 4.67
CA GLU A 178 4.65 -33.33 5.90
C GLU A 178 3.77 -32.91 7.06
N LEU A 179 2.96 -31.89 6.86
CA LEU A 179 2.07 -31.39 7.89
C LEU A 179 1.03 -32.40 8.39
N SER A 180 0.57 -33.27 7.52
CA SER A 180 -0.40 -34.28 7.87
C SER A 180 0.15 -35.25 8.88
N PHE A 181 1.41 -35.63 8.73
CA PHE A 181 2.03 -36.53 9.68
C PHE A 181 2.19 -35.88 11.05
N LEU A 182 2.60 -34.65 11.04
CA LEU A 182 2.79 -33.92 12.24
C LEU A 182 1.48 -33.58 12.95
N ASN A 183 0.44 -33.29 12.20
CA ASN A 183 -0.85 -32.98 12.77
C ASN A 183 -1.79 -34.13 12.48
N SER A 184 -1.46 -35.26 13.06
CA SER A 184 -2.16 -36.51 12.91
C SER A 184 -3.67 -36.53 12.85
N GLY A 185 -4.36 -35.78 13.66
CA GLY A 185 -5.80 -35.91 13.54
C GLY A 185 -6.48 -35.09 12.45
N VAL A 186 -5.70 -34.31 11.71
CA VAL A 186 -6.26 -33.39 10.76
C VAL A 186 -6.28 -33.88 9.34
N SER A 187 -7.42 -33.73 8.68
CA SER A 187 -7.53 -34.14 7.32
C SER A 187 -7.18 -32.96 6.45
N ILE A 188 -6.32 -33.16 5.47
CA ILE A 188 -5.91 -32.11 4.57
C ILE A 188 -6.15 -32.46 3.11
N ARG A 189 -7.03 -31.73 2.46
CA ARG A 189 -7.32 -31.91 1.05
C ARG A 189 -6.67 -30.83 0.17
N LEU A 190 -6.10 -31.22 -0.96
CA LEU A 190 -5.50 -30.30 -1.90
C LEU A 190 -6.24 -30.48 -3.23
N ARG A 191 -6.75 -29.42 -3.80
CA ARG A 191 -7.47 -29.49 -5.05
C ARG A 191 -6.86 -28.49 -6.01
N ASP A 192 -6.77 -28.85 -7.27
CA ASP A 192 -6.26 -27.95 -8.26
C ASP A 192 -7.35 -27.79 -9.29
N LYS A 193 -7.88 -26.61 -9.41
CA LYS A 193 -8.95 -26.39 -10.34
C LYS A 193 -8.47 -26.12 -11.74
N ARG A 194 -7.17 -25.90 -11.91
CA ARG A 194 -6.61 -25.65 -13.21
C ARG A 194 -6.63 -26.91 -14.04
N ASP A 195 -6.47 -28.05 -13.39
CA ASP A 195 -6.44 -29.31 -14.08
C ASP A 195 -7.14 -30.47 -13.41
N GLY A 196 -7.86 -30.23 -12.33
CA GLY A 196 -8.58 -31.29 -11.67
C GLY A 196 -7.77 -32.19 -10.74
N LYS A 197 -6.48 -32.01 -10.64
CA LYS A 197 -5.66 -32.81 -9.77
C LYS A 197 -6.05 -32.62 -8.29
N GLU A 198 -5.93 -33.67 -7.52
CA GLU A 198 -6.22 -33.58 -6.10
C GLU A 198 -5.53 -34.64 -5.27
N ASP A 199 -5.44 -34.38 -3.97
CA ASP A 199 -4.87 -35.27 -2.99
C ASP A 199 -5.62 -35.17 -1.63
N HIS A 200 -5.38 -36.13 -0.78
CA HIS A 200 -6.00 -36.16 0.50
C HIS A 200 -4.97 -36.72 1.44
N PHE A 201 -4.46 -35.88 2.31
CA PHE A 201 -3.49 -36.27 3.27
C PHE A 201 -4.16 -36.36 4.62
N HIS A 202 -4.18 -37.54 5.20
CA HIS A 202 -4.80 -37.78 6.49
C HIS A 202 -4.02 -38.90 7.14
N TYR A 203 -3.34 -38.62 8.24
CA TYR A 203 -2.57 -39.63 8.95
C TYR A 203 -3.41 -40.31 10.00
N LEU B 1 1.13 4.69 7.42
CA LEU B 1 0.25 5.10 6.32
C LEU B 1 -1.08 4.36 6.13
N ASP B 2 -1.21 3.16 6.69
CA ASP B 2 -2.45 2.38 6.54
C ASP B 2 -3.73 3.07 6.96
N ALA B 3 -3.69 3.91 7.98
CA ALA B 3 -4.86 4.67 8.38
C ALA B 3 -5.40 5.53 7.25
N VAL B 4 -4.52 6.16 6.50
CA VAL B 4 -4.89 6.97 5.38
C VAL B 4 -5.46 6.13 4.25
N ARG B 5 -4.84 4.99 4.00
CA ARG B 5 -5.25 4.10 2.94
C ARG B 5 -6.65 3.56 3.23
N LYS B 6 -6.89 3.31 4.49
CA LYS B 6 -8.14 2.79 4.97
C LYS B 6 -9.30 3.73 4.71
N ARG B 7 -9.12 5.02 4.90
CA ARG B 7 -10.16 6.04 4.69
C ARG B 7 -9.57 7.31 4.08
N PRO B 8 -9.24 7.27 2.81
CA PRO B 8 -8.58 8.38 2.15
C PRO B 8 -9.36 9.67 2.24
N GLY B 9 -10.65 9.61 2.06
CA GLY B 9 -11.51 10.76 2.10
C GLY B 9 -11.40 11.57 3.36
N MET B 10 -11.08 10.93 4.45
CA MET B 10 -10.95 11.62 5.71
C MET B 10 -9.70 12.49 5.76
N TYR B 11 -8.75 12.19 4.91
CA TYR B 11 -7.52 12.92 4.87
C TYR B 11 -7.39 13.89 3.72
N ILE B 12 -7.78 13.49 2.52
CA ILE B 12 -7.60 14.33 1.35
C ILE B 12 -8.85 15.02 0.85
N GLY B 13 -10.00 14.61 1.34
CA GLY B 13 -11.24 15.19 0.87
C GLY B 13 -11.91 14.28 -0.12
N ASP B 14 -12.93 14.79 -0.78
CA ASP B 14 -13.69 13.99 -1.71
C ASP B 14 -12.85 13.41 -2.84
N THR B 15 -12.85 12.11 -2.97
CA THR B 15 -12.06 11.44 -3.99
C THR B 15 -12.78 11.20 -5.32
N ASP B 16 -13.96 11.74 -5.45
CA ASP B 16 -14.76 11.56 -6.63
C ASP B 16 -15.10 12.81 -7.40
N ASP B 17 -15.14 13.95 -6.76
CA ASP B 17 -15.51 15.17 -7.46
C ASP B 17 -14.37 16.05 -7.86
N GLY B 18 -13.16 15.56 -7.78
CA GLY B 18 -12.01 16.33 -8.16
C GLY B 18 -11.41 17.24 -7.11
N THR B 19 -12.10 17.49 -6.02
CA THR B 19 -11.56 18.38 -5.01
C THR B 19 -10.35 17.74 -4.31
N GLY B 20 -10.45 16.49 -3.94
CA GLY B 20 -9.34 15.82 -3.33
C GLY B 20 -8.16 15.71 -4.25
N LEU B 21 -8.40 15.48 -5.52
CA LEU B 21 -7.34 15.34 -6.47
C LEU B 21 -6.43 16.58 -6.56
N HIS B 22 -7.07 17.73 -6.65
CA HIS B 22 -6.36 18.97 -6.72
C HIS B 22 -5.78 19.32 -5.38
N HIS B 23 -6.39 18.89 -4.30
CA HIS B 23 -5.87 19.08 -2.96
C HIS B 23 -4.47 18.42 -2.85
N MET B 24 -4.25 17.26 -3.47
CA MET B 24 -2.96 16.63 -3.56
C MET B 24 -1.89 17.64 -4.04
N VAL B 25 -2.16 18.37 -5.11
CA VAL B 25 -1.22 19.34 -5.59
C VAL B 25 -0.97 20.46 -4.59
N PHE B 26 -2.04 21.00 -4.04
CA PHE B 26 -1.91 22.10 -3.12
C PHE B 26 -1.12 21.77 -1.86
N GLU B 27 -1.27 20.55 -1.40
CA GLU B 27 -0.53 20.11 -0.26
C GLU B 27 0.98 20.11 -0.56
N VAL B 28 1.37 19.62 -1.72
CA VAL B 28 2.76 19.60 -2.10
C VAL B 28 3.26 21.04 -2.27
N VAL B 29 2.44 21.86 -2.87
CA VAL B 29 2.76 23.25 -3.10
C VAL B 29 3.00 23.97 -1.79
N ASP B 30 2.18 23.74 -0.78
CA ASP B 30 2.40 24.35 0.52
C ASP B 30 3.82 23.99 1.06
N ASN B 31 4.23 22.76 0.95
CA ASN B 31 5.55 22.41 1.39
C ASN B 31 6.60 23.10 0.54
N ALA B 32 6.34 23.20 -0.74
CA ALA B 32 7.28 23.84 -1.63
C ALA B 32 7.48 25.32 -1.30
N ILE B 33 6.40 25.97 -0.94
CA ILE B 33 6.45 27.37 -0.59
C ILE B 33 7.32 27.55 0.64
N ASP B 34 7.14 26.69 1.62
CA ASP B 34 7.91 26.73 2.85
C ASP B 34 9.38 26.62 2.52
N GLU B 35 9.72 25.69 1.66
CA GLU B 35 11.09 25.47 1.23
C GLU B 35 11.62 26.70 0.52
N ALA B 36 10.86 27.23 -0.40
CA ALA B 36 11.30 28.36 -1.18
C ALA B 36 11.53 29.57 -0.31
N LEU B 37 10.67 29.79 0.66
CA LEU B 37 10.77 30.90 1.59
C LEU B 37 12.04 30.92 2.41
N ALA B 38 12.63 29.78 2.71
CA ALA B 38 13.84 29.72 3.48
C ALA B 38 15.13 29.95 2.71
N GLY B 39 15.05 30.25 1.43
CA GLY B 39 16.21 30.48 0.59
C GLY B 39 16.24 31.90 0.03
N HIS B 40 17.17 32.20 -0.83
CA HIS B 40 17.21 33.55 -1.35
C HIS B 40 16.42 33.82 -2.60
N CYS B 41 16.62 33.03 -3.63
CA CYS B 41 15.89 33.26 -4.88
C CYS B 41 14.44 32.99 -4.90
N LYS B 42 13.99 32.03 -4.14
CA LYS B 42 12.61 31.69 -4.05
C LYS B 42 11.84 31.43 -5.33
N GLU B 43 12.05 30.29 -5.97
CA GLU B 43 11.25 29.95 -7.13
C GLU B 43 10.65 28.54 -7.03
N ILE B 44 9.38 28.41 -7.34
CA ILE B 44 8.71 27.15 -7.37
C ILE B 44 8.19 26.95 -8.79
N ILE B 45 8.24 25.73 -9.29
CA ILE B 45 7.71 25.39 -10.59
C ILE B 45 6.77 24.20 -10.48
N VAL B 46 5.54 24.40 -10.93
CA VAL B 46 4.53 23.38 -10.91
C VAL B 46 4.28 23.01 -12.35
N THR B 47 4.41 21.74 -12.65
CA THR B 47 4.26 21.22 -14.00
C THR B 47 3.25 20.10 -14.13
N ILE B 48 2.29 20.28 -15.02
CA ILE B 48 1.32 19.28 -15.30
C ILE B 48 1.87 18.52 -16.47
N HIS B 49 2.29 17.29 -16.24
CA HIS B 49 2.86 16.47 -17.28
C HIS B 49 1.79 15.82 -18.15
N ALA B 50 2.17 15.39 -19.33
CA ALA B 50 1.26 14.78 -20.28
C ALA B 50 0.68 13.45 -19.84
N ASP B 51 1.28 12.80 -18.87
CA ASP B 51 0.82 11.54 -18.38
C ASP B 51 0.02 11.68 -17.12
N ASN B 52 -0.57 12.84 -16.94
CA ASN B 52 -1.34 13.24 -15.77
C ASN B 52 -0.74 13.12 -14.39
N SER B 53 0.55 13.27 -14.35
CA SER B 53 1.26 13.41 -13.11
C SER B 53 1.54 14.92 -12.96
N VAL B 54 1.88 15.34 -11.77
CA VAL B 54 2.27 16.71 -11.53
C VAL B 54 3.60 16.75 -10.76
N SER B 55 4.51 17.62 -11.13
CA SER B 55 5.74 17.80 -10.42
C SER B 55 5.75 19.19 -9.79
N VAL B 56 6.35 19.29 -8.62
CA VAL B 56 6.48 20.54 -7.94
C VAL B 56 7.92 20.60 -7.51
N GLN B 57 8.62 21.66 -7.86
CA GLN B 57 10.01 21.81 -7.51
C GLN B 57 10.30 23.16 -6.94
N ASP B 58 11.26 23.23 -6.06
CA ASP B 58 11.65 24.47 -5.46
C ASP B 58 13.14 24.54 -5.44
N ASP B 59 13.64 25.75 -5.42
CA ASP B 59 15.05 25.90 -5.38
C ASP B 59 15.58 26.25 -4.01
N GLY B 60 14.99 25.69 -2.98
CA GLY B 60 15.43 25.90 -1.63
C GLY B 60 16.64 25.10 -1.19
N ARG B 61 16.78 24.88 0.09
CA ARG B 61 17.96 24.20 0.59
C ARG B 61 18.00 22.67 0.42
N GLY B 62 16.87 22.11 0.05
CA GLY B 62 16.71 20.71 -0.09
C GLY B 62 16.27 20.15 1.22
N ILE B 63 15.28 19.28 1.24
CA ILE B 63 14.86 18.71 2.50
C ILE B 63 15.96 17.77 3.05
N PRO B 64 16.04 17.65 4.37
CA PRO B 64 17.08 16.84 4.99
C PRO B 64 17.11 15.41 4.52
N THR B 65 18.31 14.89 4.39
CA THR B 65 18.53 13.60 3.88
C THR B 65 19.23 12.64 4.81
N GLY B 66 19.77 13.14 5.90
CA GLY B 66 20.45 12.26 6.81
C GLY B 66 19.57 11.28 7.52
N ILE B 67 20.14 10.18 7.92
CA ILE B 67 19.40 9.16 8.60
C ILE B 67 18.82 9.65 9.95
N HIS B 68 17.53 9.49 10.15
CA HIS B 68 16.86 9.84 11.37
C HIS B 68 17.30 8.85 12.42
N PRO B 69 17.78 9.33 13.55
CA PRO B 69 18.34 8.41 14.52
C PRO B 69 17.38 7.44 15.16
N GLU B 70 16.14 7.80 15.25
CA GLU B 70 15.19 6.90 15.83
C GLU B 70 14.55 6.06 14.73
N GLU B 71 14.11 6.69 13.66
CA GLU B 71 13.43 5.98 12.59
C GLU B 71 14.28 5.03 11.80
N GLY B 72 15.55 5.32 11.68
CA GLY B 72 16.43 4.44 10.96
C GLY B 72 16.46 4.57 9.45
N VAL B 73 15.74 5.52 8.93
CA VAL B 73 15.75 5.80 7.53
C VAL B 73 16.02 7.29 7.36
N SER B 74 16.30 7.72 6.15
CA SER B 74 16.54 9.12 5.92
C SER B 74 15.37 9.97 6.36
N ALA B 75 15.70 11.19 6.73
CA ALA B 75 14.70 12.17 7.12
C ALA B 75 13.64 12.37 6.05
N ALA B 76 14.05 12.45 4.81
CA ALA B 76 13.16 12.57 3.70
C ALA B 76 12.11 11.44 3.70
N GLU B 77 12.56 10.21 3.88
CA GLU B 77 11.63 9.09 3.93
C GLU B 77 10.69 9.22 5.12
N VAL B 78 11.18 9.68 6.25
CA VAL B 78 10.32 9.89 7.39
C VAL B 78 9.26 10.91 7.03
N ILE B 79 9.64 12.00 6.39
CA ILE B 79 8.69 12.99 5.95
C ILE B 79 7.62 12.44 5.00
N MET B 80 8.03 11.54 4.13
CA MET B 80 7.14 10.97 3.16
C MET B 80 6.26 9.83 3.65
N THR B 81 6.64 9.21 4.74
CA THR B 81 5.96 8.02 5.21
C THR B 81 5.37 8.02 6.62
N VAL B 82 5.49 9.10 7.34
CA VAL B 82 4.98 9.19 8.67
C VAL B 82 3.89 10.25 8.73
N LEU B 83 2.78 9.87 9.39
CA LEU B 83 1.48 10.52 9.70
C LEU B 83 0.31 9.87 9.00
N GLY B 102 -2.70 21.88 7.08
CA GLY B 102 -2.57 20.89 6.02
C GLY B 102 -2.22 19.50 6.51
N VAL B 103 -2.56 18.50 5.72
CA VAL B 103 -2.38 17.10 6.06
C VAL B 103 -0.99 16.51 5.95
N GLY B 104 -0.13 17.13 5.15
CA GLY B 104 1.20 16.61 5.02
C GLY B 104 1.40 15.84 3.74
N VAL B 105 2.60 15.91 3.20
CA VAL B 105 2.93 15.23 1.98
C VAL B 105 2.87 13.70 2.07
N SER B 106 2.87 13.14 3.27
CA SER B 106 2.77 11.70 3.44
C SER B 106 1.40 11.18 2.99
N VAL B 107 0.39 11.99 3.11
CA VAL B 107 -0.93 11.62 2.66
C VAL B 107 -0.89 11.55 1.14
N VAL B 108 -0.29 12.54 0.54
CA VAL B 108 -0.15 12.59 -0.88
C VAL B 108 0.62 11.33 -1.41
N ASN B 109 1.72 11.00 -0.78
CA ASN B 109 2.50 9.84 -1.11
C ASN B 109 1.62 8.59 -1.04
N ALA B 110 0.98 8.39 0.09
CA ALA B 110 0.07 7.29 0.33
C ALA B 110 -0.96 7.07 -0.78
N LEU B 111 -1.52 8.16 -1.25
CA LEU B 111 -2.54 8.13 -2.27
C LEU B 111 -2.02 8.28 -3.69
N SER B 112 -0.74 8.11 -3.91
CA SER B 112 -0.20 8.22 -5.22
C SER B 112 0.28 6.87 -5.67
N GLN B 113 -0.02 6.46 -6.90
CA GLN B 113 0.48 5.19 -7.40
C GLN B 113 2.00 5.17 -7.62
N LYS B 114 2.56 6.34 -7.86
CA LYS B 114 3.98 6.54 -7.98
C LYS B 114 4.33 7.94 -7.52
N LEU B 115 5.43 8.07 -6.82
CA LEU B 115 5.97 9.34 -6.41
C LEU B 115 7.48 9.30 -6.53
N GLU B 116 8.04 10.27 -7.23
CA GLU B 116 9.46 10.39 -7.46
C GLU B 116 9.97 11.57 -6.66
N LEU B 117 11.02 11.35 -5.91
CA LEU B 117 11.59 12.36 -5.07
C LEU B 117 13.03 12.62 -5.46
N VAL B 118 13.37 13.87 -5.66
CA VAL B 118 14.71 14.26 -5.99
C VAL B 118 15.11 15.47 -5.15
N ILE B 119 16.20 15.33 -4.41
CA ILE B 119 16.67 16.36 -3.52
C ILE B 119 18.11 16.72 -3.83
N GLN B 120 18.37 17.99 -4.07
CA GLN B 120 19.72 18.48 -4.34
C GLN B 120 20.19 19.23 -3.12
N ARG B 121 21.20 18.73 -2.48
CA ARG B 121 21.67 19.31 -1.25
C ARG B 121 23.08 18.87 -0.98
N GLU B 122 23.88 19.78 -0.45
CA GLU B 122 25.27 19.53 -0.07
C GLU B 122 26.14 19.00 -1.19
N GLY B 123 25.91 19.45 -2.40
CA GLY B 123 26.65 19.00 -3.55
C GLY B 123 26.24 17.66 -4.14
N LYS B 124 25.19 17.06 -3.59
CA LYS B 124 24.71 15.76 -3.98
C LYS B 124 23.25 15.66 -4.41
N ILE B 125 23.00 14.85 -5.41
CA ILE B 125 21.69 14.57 -5.90
C ILE B 125 21.25 13.29 -5.22
N HIS B 126 20.07 13.31 -4.62
CA HIS B 126 19.50 12.17 -3.94
C HIS B 126 18.21 11.81 -4.61
N ARG B 127 17.98 10.55 -4.87
CA ARG B 127 16.75 10.11 -5.52
C ARG B 127 16.03 8.94 -4.84
N GLN B 128 14.71 8.94 -4.89
CA GLN B 128 13.92 7.87 -4.34
C GLN B 128 12.57 7.75 -5.04
N ILE B 129 12.08 6.54 -5.15
CA ILE B 129 10.81 6.28 -5.78
C ILE B 129 9.90 5.55 -4.80
N TYR B 130 8.64 5.91 -4.79
CA TYR B 130 7.64 5.31 -3.96
C TYR B 130 6.49 4.83 -4.85
N GLU B 131 5.80 3.81 -4.42
CA GLU B 131 4.64 3.28 -5.12
C GLU B 131 3.64 3.02 -4.05
N HIS B 132 2.52 3.73 -4.12
CA HIS B 132 1.48 3.68 -3.10
C HIS B 132 2.02 3.97 -1.67
N GLY B 133 3.03 4.82 -1.63
CA GLY B 133 3.66 5.23 -0.40
C GLY B 133 4.76 4.32 0.11
N VAL B 134 4.99 3.24 -0.59
CA VAL B 134 6.02 2.32 -0.26
C VAL B 134 7.35 2.63 -1.00
N PRO B 135 8.42 2.91 -0.27
CA PRO B 135 9.66 3.23 -0.96
C PRO B 135 10.17 1.99 -1.67
N GLN B 136 10.62 2.16 -2.90
CA GLN B 136 11.15 1.06 -3.69
C GLN B 136 12.60 0.68 -3.33
N ALA B 137 13.29 1.63 -2.72
CA ALA B 137 14.64 1.49 -2.20
C ALA B 137 14.93 2.68 -1.30
N PRO B 138 15.94 2.59 -0.48
CA PRO B 138 16.29 3.72 0.37
C PRO B 138 16.77 4.89 -0.44
N LEU B 139 16.68 6.08 0.11
CA LEU B 139 17.13 7.29 -0.53
C LEU B 139 18.57 7.13 -0.91
N ALA B 140 18.89 7.41 -2.15
CA ALA B 140 20.23 7.19 -2.63
C ALA B 140 20.90 8.38 -3.28
N VAL B 141 22.17 8.56 -3.02
CA VAL B 141 22.95 9.60 -3.66
C VAL B 141 23.39 9.06 -5.01
N THR B 142 22.89 9.64 -6.07
CA THR B 142 23.19 9.17 -7.40
C THR B 142 24.11 10.05 -8.20
N GLY B 143 24.33 11.26 -7.76
CA GLY B 143 25.20 12.16 -8.48
C GLY B 143 25.57 13.39 -7.72
N GLU B 144 26.23 14.30 -8.42
CA GLU B 144 26.67 15.56 -7.89
C GLU B 144 25.87 16.68 -8.51
N THR B 145 25.90 17.83 -7.86
CA THR B 145 25.15 18.95 -8.34
C THR B 145 25.69 20.21 -7.76
N GLU B 146 25.50 21.27 -8.51
CA GLU B 146 25.87 22.61 -8.13
C GLU B 146 24.64 23.33 -7.53
N LYS B 147 23.46 22.77 -7.72
CA LYS B 147 22.23 23.36 -7.22
C LYS B 147 21.66 22.77 -5.96
N THR B 148 20.64 23.43 -5.44
CA THR B 148 19.93 22.97 -4.25
C THR B 148 18.45 23.01 -4.55
N GLY B 149 17.68 22.19 -3.85
CA GLY B 149 16.27 22.14 -4.03
C GLY B 149 15.63 20.78 -3.82
N THR B 150 14.33 20.75 -3.92
CA THR B 150 13.52 19.56 -3.75
C THR B 150 12.52 19.47 -4.89
N MET B 151 12.35 18.30 -5.44
CA MET B 151 11.41 18.07 -6.51
C MET B 151 10.62 16.83 -6.17
N VAL B 152 9.31 16.93 -6.28
CA VAL B 152 8.44 15.82 -6.06
C VAL B 152 7.51 15.74 -7.24
N ARG B 153 7.41 14.56 -7.84
CA ARG B 153 6.51 14.30 -8.94
C ARG B 153 5.62 13.14 -8.59
N PHE B 154 4.33 13.31 -8.66
CA PHE B 154 3.43 12.26 -8.29
C PHE B 154 2.33 11.95 -9.28
N TRP B 155 1.98 10.68 -9.31
CA TRP B 155 0.94 10.13 -10.13
C TRP B 155 -0.15 9.71 -9.19
N PRO B 156 -1.27 10.42 -9.18
CA PRO B 156 -2.35 10.05 -8.29
C PRO B 156 -2.85 8.64 -8.53
N SER B 157 -3.16 7.94 -7.47
CA SER B 157 -3.63 6.59 -7.58
C SER B 157 -5.04 6.51 -8.16
N LEU B 158 -5.16 5.85 -9.29
CA LEU B 158 -6.44 5.65 -9.95
C LEU B 158 -7.32 4.67 -9.18
N GLU B 159 -6.73 3.94 -8.27
CA GLU B 159 -7.47 3.10 -7.33
C GLU B 159 -8.23 3.95 -6.30
N THR B 160 -7.74 5.16 -6.05
CA THR B 160 -8.36 6.05 -5.09
C THR B 160 -9.23 7.12 -5.72
N PHE B 161 -8.67 7.83 -6.68
CA PHE B 161 -9.35 8.90 -7.35
C PHE B 161 -10.13 8.41 -8.56
N THR B 162 -11.42 8.58 -8.46
CA THR B 162 -12.34 8.17 -9.48
C THR B 162 -13.09 9.37 -10.02
N ASN B 163 -13.81 9.13 -11.10
CA ASN B 163 -14.61 10.14 -11.75
C ASN B 163 -13.70 11.22 -12.32
N VAL B 164 -13.29 12.16 -11.51
CA VAL B 164 -12.39 13.20 -11.98
C VAL B 164 -10.93 12.76 -11.73
N THR B 165 -10.17 12.54 -12.79
CA THR B 165 -8.84 12.06 -12.62
C THR B 165 -7.79 12.82 -13.36
N GLU B 166 -8.17 13.92 -13.96
CA GLU B 166 -7.23 14.77 -14.67
C GLU B 166 -7.23 16.17 -14.09
N PHE B 167 -6.06 16.77 -14.03
CA PHE B 167 -5.90 18.10 -13.46
C PHE B 167 -6.42 19.20 -14.37
N GLU B 168 -7.03 20.20 -13.77
CA GLU B 168 -7.61 21.31 -14.49
C GLU B 168 -6.68 22.48 -14.29
N TYR B 169 -6.04 22.93 -15.35
CA TYR B 169 -5.08 24.03 -15.32
C TYR B 169 -5.58 25.24 -14.57
N GLU B 170 -6.82 25.61 -14.85
CA GLU B 170 -7.47 26.74 -14.24
C GLU B 170 -7.60 26.65 -12.75
N ILE B 171 -7.89 25.47 -12.24
CA ILE B 171 -7.98 25.29 -10.82
C ILE B 171 -6.59 25.54 -10.20
N LEU B 172 -5.55 25.04 -10.79
CA LEU B 172 -4.22 25.29 -10.28
C LEU B 172 -3.78 26.75 -10.45
N ALA B 173 -3.97 27.31 -11.62
CA ALA B 173 -3.58 28.68 -11.84
C ALA B 173 -4.24 29.65 -10.89
N LYS B 174 -5.54 29.57 -10.70
CA LYS B 174 -6.23 30.47 -9.80
C LYS B 174 -5.69 30.46 -8.38
N ARG B 175 -5.41 29.28 -7.88
CA ARG B 175 -4.90 29.09 -6.54
C ARG B 175 -3.48 29.56 -6.41
N LEU B 176 -2.69 29.29 -7.41
CA LEU B 176 -1.32 29.71 -7.37
C LEU B 176 -1.22 31.23 -7.43
N ARG B 177 -2.09 31.86 -8.18
CA ARG B 177 -2.13 33.28 -8.28
C ARG B 177 -2.43 33.86 -6.92
N GLU B 178 -3.44 33.34 -6.23
CA GLU B 178 -3.79 33.82 -4.90
C GLU B 178 -2.63 33.64 -3.95
N LEU B 179 -1.96 32.50 -4.02
CA LEU B 179 -0.85 32.22 -3.18
C LEU B 179 0.30 33.18 -3.39
N SER B 180 0.55 33.56 -4.62
CA SER B 180 1.67 34.45 -4.92
C SER B 180 1.59 35.77 -4.14
N PHE B 181 0.42 36.35 -3.99
CA PHE B 181 0.29 37.57 -3.24
C PHE B 181 0.54 37.36 -1.74
N LEU B 182 0.24 36.19 -1.23
CA LEU B 182 0.40 35.93 0.17
C LEU B 182 1.81 35.63 0.50
N ASN B 183 2.54 35.17 -0.48
CA ASN B 183 3.96 34.82 -0.36
C ASN B 183 4.83 35.71 -1.22
N SER B 184 5.04 36.92 -0.76
CA SER B 184 5.80 37.91 -1.51
C SER B 184 7.22 37.57 -1.72
N GLY B 185 7.66 37.76 -2.95
CA GLY B 185 9.00 37.44 -3.28
C GLY B 185 9.17 36.07 -3.89
N VAL B 186 8.18 35.21 -3.72
CA VAL B 186 8.27 33.86 -4.27
C VAL B 186 7.74 33.79 -5.69
N SER B 187 8.59 33.38 -6.61
CA SER B 187 8.24 33.25 -7.99
C SER B 187 7.58 31.90 -8.16
N ILE B 188 6.41 31.88 -8.76
CA ILE B 188 5.71 30.63 -8.97
C ILE B 188 5.36 30.45 -10.46
N ARG B 189 5.93 29.43 -11.09
CA ARG B 189 5.66 29.13 -12.47
C ARG B 189 4.77 27.92 -12.61
N LEU B 190 3.85 27.97 -13.55
CA LEU B 190 2.91 26.91 -13.85
C LEU B 190 3.07 26.57 -15.33
N ARG B 191 3.27 25.30 -15.62
CA ARG B 191 3.48 24.85 -16.98
C ARG B 191 2.63 23.66 -17.23
N ASP B 192 1.94 23.63 -18.35
CA ASP B 192 1.09 22.52 -18.68
C ASP B 192 1.62 21.89 -19.93
N LYS B 193 2.31 20.78 -19.81
CA LYS B 193 2.89 20.10 -20.95
C LYS B 193 1.87 19.40 -21.86
N ARG B 194 0.60 19.49 -21.56
CA ARG B 194 -0.37 18.85 -22.40
C ARG B 194 -0.65 19.75 -23.57
N ASP B 195 -0.60 21.05 -23.35
CA ASP B 195 -0.89 21.99 -24.40
C ASP B 195 0.08 23.12 -24.50
N GLY B 196 1.07 23.16 -23.66
CA GLY B 196 2.05 24.21 -23.72
C GLY B 196 1.75 25.49 -22.97
N LYS B 197 0.59 25.58 -22.34
CA LYS B 197 0.22 26.76 -21.57
C LYS B 197 1.21 27.04 -20.42
N GLU B 198 1.45 28.29 -20.12
CA GLU B 198 2.39 28.67 -19.09
C GLU B 198 1.91 29.93 -18.42
N ASP B 199 2.24 30.09 -17.15
CA ASP B 199 1.89 31.28 -16.39
C ASP B 199 2.98 31.53 -15.39
N HIS B 200 3.09 32.76 -14.96
CA HIS B 200 4.10 33.13 -14.01
C HIS B 200 3.52 34.13 -13.02
N PHE B 201 3.41 33.69 -11.79
CA PHE B 201 2.88 34.47 -10.72
C PHE B 201 3.99 34.87 -9.79
N HIS B 202 4.23 36.16 -9.70
CA HIS B 202 5.26 36.72 -8.88
C HIS B 202 4.83 38.06 -8.31
N TYR B 203 4.77 38.16 -7.01
CA TYR B 203 4.40 39.38 -6.36
C TYR B 203 5.50 39.83 -5.45
N GLU B 204 5.75 41.12 -5.51
CA GLU B 204 6.69 41.81 -4.68
C GLU B 204 6.22 42.02 -3.24
N GLY B 205 5.70 43.16 -2.90
CA GLY B 205 5.22 43.36 -1.55
C GLY B 205 6.12 43.09 -0.37
N GLY B 206 7.06 43.95 -0.14
CA GLY B 206 7.95 43.78 0.96
C GLY B 206 9.36 43.81 0.44
NAF AX7 C . -2.30 -0.57 -4.52
CAI AX7 C . -1.68 -0.56 -3.27
CAD AX7 C . -2.10 -0.07 -2.04
CAB AX7 C . -1.26 -0.16 -0.94
CAC AX7 C . 0.01 -0.74 -1.06
CAE AX7 C . 0.44 -1.25 -2.28
CAJ AX7 C . -0.41 -1.15 -3.37
NAG AX7 C . -0.27 -1.53 -4.69
CAH AX7 C . -1.42 -1.17 -5.34
NAA AX7 C . -1.61 -1.39 -6.63
C1 NPO D . -6.93 -18.34 8.70
C2 NPO D . -6.92 -18.63 7.35
C3 NPO D . -7.61 -19.75 6.91
C4 NPO D . -8.27 -20.57 7.83
C5 NPO D . -8.22 -20.27 9.19
C6 NPO D . -7.55 -19.15 9.63
OH NPO D . -8.93 -21.67 7.41
N1 NPO D . -6.28 -17.11 9.15
O2 NPO D . -5.72 -16.41 8.31
O3 NPO D . -6.33 -16.83 10.35
P PO4 E . -13.61 -19.93 -8.77
O1 PO4 E . -12.63 -21.05 -8.50
O2 PO4 E . -14.35 -19.52 -7.52
O3 PO4 E . -12.87 -18.72 -9.33
O4 PO4 E . -14.64 -20.38 -9.79
C1 NPO F . 8.18 18.96 -0.83
C2 NPO F . 9.04 20.00 -0.55
C3 NPO F . 9.46 20.81 -1.59
C4 NPO F . 9.01 20.58 -2.89
C5 NPO F . 8.13 19.54 -3.14
C6 NPO F . 7.71 18.72 -2.11
OH NPO F . 9.44 21.36 -3.92
N1 NPO F . 7.76 18.06 0.26
O2 NPO F . 8.19 18.28 1.40
O3 NPO F . 7.01 17.14 0.00
P PO4 G . 8.39 14.03 -18.91
O1 PO4 G . 9.14 13.93 -20.19
O2 PO4 G . 9.44 14.04 -17.87
O3 PO4 G . 7.48 12.89 -18.72
O4 PO4 G . 7.55 15.26 -18.92
#